data_5TWI
# 
_entry.id   5TWI 
# 
_audit_conform.dict_name       mmcif_pdbx.dic 
_audit_conform.dict_version    5.381 
_audit_conform.dict_location   http://mmcif.pdb.org/dictionaries/ascii/mmcif_pdbx.dic 
# 
loop_
_database_2.database_id 
_database_2.database_code 
_database_2.pdbx_database_accession 
_database_2.pdbx_DOI 
PDB   5TWI         pdb_00005twi 10.2210/pdb5twi/pdb 
WWPDB D_1000224930 ?            ?                   
BMRB  30202        ?            ?                   
# 
_pdbx_database_related.db_name        BMRB 
_pdbx_database_related.details        'Alpha Helix Nucleation by a Simple Cyclic Tetrapeptide' 
_pdbx_database_related.db_id          30202 
_pdbx_database_related.content_type   unspecified 
# 
_pdbx_database_status.status_code                     REL 
_pdbx_database_status.status_code_sf                  ? 
_pdbx_database_status.status_code_mr                  REL 
_pdbx_database_status.entry_id                        5TWI 
_pdbx_database_status.recvd_initial_deposition_date   2016-11-13 
_pdbx_database_status.SG_entry                        N 
_pdbx_database_status.deposit_site                    RCSB 
_pdbx_database_status.process_site                    RCSB 
_pdbx_database_status.status_code_cs                  REL 
_pdbx_database_status.methods_development_category    ? 
_pdbx_database_status.pdb_format_compatible           Y 
_pdbx_database_status.status_code_nmr_data            ? 
# 
loop_
_audit_author.name 
_audit_author.pdbx_ordinal 
'Hoang, H.N.'   1 
'Fairlie, D.P.' 2 
# 
_citation.abstract                  ? 
_citation.abstract_id_CAS           ? 
_citation.book_id_ISBN              ? 
_citation.book_publisher            ? 
_citation.book_publisher_city       ? 
_citation.book_title                ? 
_citation.coordinate_linkage        ? 
_citation.country                   ? 
_citation.database_id_Medline       ? 
_citation.details                   ? 
_citation.id                        primary 
_citation.journal_abbrev            'To Be Published' 
_citation.journal_id_ASTM           ? 
_citation.journal_id_CSD            0353 
_citation.journal_id_ISSN           ? 
_citation.journal_full              ? 
_citation.journal_issue             ? 
_citation.journal_volume            ? 
_citation.language                  ? 
_citation.page_first                ? 
_citation.page_last                 ? 
_citation.title                     'Alpha Helix Nucleation by a Simple Cyclic Tetrapeptide' 
_citation.year                      ? 
_citation.database_id_CSD           ? 
_citation.pdbx_database_id_DOI      ? 
_citation.pdbx_database_id_PubMed   ? 
_citation.unpublished_flag          ? 
# 
loop_
_citation_author.citation_id 
_citation_author.name 
_citation_author.ordinal 
_citation_author.identifier_ORCID 
primary 'Hoang, H.N.'   1 ? 
primary 'Fairlie, D.P.' 2 ? 
# 
_entity.id                         1 
_entity.type                       polymer 
_entity.src_method                 syn 
_entity.pdbx_description           'Cyclic tetrapeptide ALA-ARG-ALA-UN1' 
_entity.formula_weight             458.513 
_entity.pdbx_number_of_molecules   1 
_entity.pdbx_ec                    ? 
_entity.pdbx_mutation              ? 
_entity.pdbx_fragment              ? 
_entity.details                    ? 
# 
_entity_poly.entity_id                      1 
_entity_poly.type                           'polypeptide(L)' 
_entity_poly.nstd_linkage                   no 
_entity_poly.nstd_monomer                   yes 
_entity_poly.pdbx_seq_one_letter_code       'ARA(UN1)(NH2)' 
_entity_poly.pdbx_seq_one_letter_code_can   ARAXX 
_entity_poly.pdbx_strand_id                 A 
_entity_poly.pdbx_target_identifier         ? 
# 
loop_
_entity_poly_seq.entity_id 
_entity_poly_seq.num 
_entity_poly_seq.mon_id 
_entity_poly_seq.hetero 
1 1 ALA n 
1 2 ARG n 
1 3 ALA n 
1 4 UN1 n 
1 5 NH2 n 
# 
_pdbx_entity_src_syn.entity_id              1 
_pdbx_entity_src_syn.pdbx_src_id            1 
_pdbx_entity_src_syn.pdbx_alt_source_flag   sample 
_pdbx_entity_src_syn.pdbx_beg_seq_num       1 
_pdbx_entity_src_syn.pdbx_end_seq_num       5 
_pdbx_entity_src_syn.organism_scientific    'Cheirogaleus major' 
_pdbx_entity_src_syn.organism_common_name   ? 
_pdbx_entity_src_syn.ncbi_taxonomy_id       47177 
_pdbx_entity_src_syn.details                ? 
# 
_struct_ref.id                         1 
_struct_ref.db_name                    PDB 
_struct_ref.db_code                    5TWI 
_struct_ref.pdbx_db_accession          5TWI 
_struct_ref.pdbx_db_isoform            ? 
_struct_ref.entity_id                  1 
_struct_ref.pdbx_seq_one_letter_code   ? 
_struct_ref.pdbx_align_begin           1 
# 
_struct_ref_seq.align_id                      1 
_struct_ref_seq.ref_id                        1 
_struct_ref_seq.pdbx_PDB_id_code              5TWI 
_struct_ref_seq.pdbx_strand_id                A 
_struct_ref_seq.seq_align_beg                 1 
_struct_ref_seq.pdbx_seq_align_beg_ins_code   ? 
_struct_ref_seq.seq_align_end                 5 
_struct_ref_seq.pdbx_seq_align_end_ins_code   ? 
_struct_ref_seq.pdbx_db_accession             5TWI 
_struct_ref_seq.db_align_beg                  1 
_struct_ref_seq.pdbx_db_align_beg_ins_code    ? 
_struct_ref_seq.db_align_end                  5 
_struct_ref_seq.pdbx_db_align_end_ins_code    ? 
_struct_ref_seq.pdbx_auth_seq_align_beg       1 
_struct_ref_seq.pdbx_auth_seq_align_end       5 
# 
loop_
_chem_comp.id 
_chem_comp.type 
_chem_comp.mon_nstd_flag 
_chem_comp.name 
_chem_comp.pdbx_synonyms 
_chem_comp.formula 
_chem_comp.formula_weight 
ALA 'L-peptide linking' y ALANINE                   ? 'C3 H7 N O2'     89.093  
ARG 'L-peptide linking' y ARGININE                  ? 'C6 H15 N4 O2 1' 175.209 
NH2 non-polymer         . 'AMINO GROUP'             ? 'H2 N'           16.023  
UN1 'L-peptide linking' . '2-AMINOHEXANEDIOIC ACID' ? 'C6 H11 N O4'    161.156 
# 
_pdbx_nmr_exptl.experiment_id     4 
_pdbx_nmr_exptl.conditions_id     1 
_pdbx_nmr_exptl.solution_id       1 
_pdbx_nmr_exptl.type              '2D 1H-1H ROESY' 
_pdbx_nmr_exptl.spectrometer_id   1 
_pdbx_nmr_exptl.sample_state      anisotropic 
# 
_pdbx_nmr_exptl_sample_conditions.conditions_id          1 
_pdbx_nmr_exptl_sample_conditions.temperature            298 
_pdbx_nmr_exptl_sample_conditions.pressure_units         atm 
_pdbx_nmr_exptl_sample_conditions.pressure               1 
_pdbx_nmr_exptl_sample_conditions.pH                     6 
_pdbx_nmr_exptl_sample_conditions.ionic_strength         100 
_pdbx_nmr_exptl_sample_conditions.details                ? 
_pdbx_nmr_exptl_sample_conditions.ionic_strength_err     ? 
_pdbx_nmr_exptl_sample_conditions.ionic_strength_units   mM 
_pdbx_nmr_exptl_sample_conditions.label                  helix 
_pdbx_nmr_exptl_sample_conditions.pH_err                 ? 
_pdbx_nmr_exptl_sample_conditions.pH_units               pH 
_pdbx_nmr_exptl_sample_conditions.pressure_err           ? 
_pdbx_nmr_exptl_sample_conditions.temperature_err        1 
_pdbx_nmr_exptl_sample_conditions.temperature_units      K 
# 
_pdbx_nmr_sample_details.solution_id      1 
_pdbx_nmr_sample_details.contents         '1 mM n helix cap, 93% H2O/7% D2O' 
_pdbx_nmr_sample_details.solvent_system   '93% H2O/7% D2O' 
_pdbx_nmr_sample_details.label            ARAhE 
_pdbx_nmr_sample_details.type             solid 
_pdbx_nmr_sample_details.details          ? 
# 
_pdbx_nmr_spectrometer.spectrometer_id   1 
_pdbx_nmr_spectrometer.model             'AVANCE III' 
_pdbx_nmr_spectrometer.type              ? 
_pdbx_nmr_spectrometer.manufacturer      Bruker 
_pdbx_nmr_spectrometer.field_strength    600 
_pdbx_nmr_spectrometer.details           ? 
# 
_pdbx_nmr_refine.entry_id           5TWI 
_pdbx_nmr_refine.method             'simulated annealing' 
_pdbx_nmr_refine.details            ? 
_pdbx_nmr_refine.software_ordinal   1 
# 
_pdbx_nmr_ensemble.entry_id                                      5TWI 
_pdbx_nmr_ensemble.conformers_calculated_total_number            50 
_pdbx_nmr_ensemble.conformers_submitted_total_number             5 
_pdbx_nmr_ensemble.conformer_selection_criteria                  'structures with the lowest energy' 
_pdbx_nmr_ensemble.representative_conformer                      ? 
_pdbx_nmr_ensemble.average_constraints_per_residue               ? 
_pdbx_nmr_ensemble.average_constraint_violations_per_residue     ? 
_pdbx_nmr_ensemble.maximum_distance_constraint_violation         ? 
_pdbx_nmr_ensemble.average_distance_constraint_violation         ? 
_pdbx_nmr_ensemble.maximum_upper_distance_constraint_violation   ? 
_pdbx_nmr_ensemble.maximum_lower_distance_constraint_violation   ? 
_pdbx_nmr_ensemble.distance_constraint_violation_method          ? 
_pdbx_nmr_ensemble.maximum_torsion_angle_constraint_violation    ? 
_pdbx_nmr_ensemble.average_torsion_angle_constraint_violation    ? 
_pdbx_nmr_ensemble.torsion_angle_constraint_violation_method     ? 
# 
_pdbx_nmr_representative.entry_id             5TWI 
_pdbx_nmr_representative.conformer_id         1 
_pdbx_nmr_representative.selection_criteria   'lowest energy' 
# 
loop_
_pdbx_nmr_software.ordinal 
_pdbx_nmr_software.classification 
_pdbx_nmr_software.name 
_pdbx_nmr_software.version 
_pdbx_nmr_software.authors 
1 refinement                  Xplor   ? Xplor-NIH        
3 'chemical shift assignment' TopSpin ? 'Bruker Biospin' 
4 'peak picking'              TopSpin ? 'Bruker Biospin' 
# 
_exptl.absorpt_coefficient_mu     ? 
_exptl.absorpt_correction_T_max   ? 
_exptl.absorpt_correction_T_min   ? 
_exptl.absorpt_correction_type    ? 
_exptl.absorpt_process_details    ? 
_exptl.entry_id                   5TWI 
_exptl.crystals_number            ? 
_exptl.details                    ? 
_exptl.method                     'SOLUTION NMR' 
_exptl.method_details             ? 
# 
_struct.entry_id                     5TWI 
_struct.title                        'Alpha Helix Nucleation by a Simple Cyclic Tetrapeptide' 
_struct.pdbx_model_details           ? 
_struct.pdbx_formula_weight          ? 
_struct.pdbx_formula_weight_method   ? 
_struct.pdbx_model_type_details      ? 
_struct.pdbx_CASP_flag               N 
# 
_struct_keywords.entry_id        5TWI 
_struct_keywords.text            'alpha turn, helix cap, DE NOVO PROTEIN' 
_struct_keywords.pdbx_keywords   'DE NOVO PROTEIN' 
# 
_struct_asym.id                            A 
_struct_asym.pdbx_blank_PDB_chainid_flag   N 
_struct_asym.pdbx_modified                 N 
_struct_asym.entity_id                     1 
_struct_asym.details                       ? 
# 
loop_
_struct_conn.id 
_struct_conn.conn_type_id 
_struct_conn.pdbx_leaving_atom_flag 
_struct_conn.pdbx_PDB_id 
_struct_conn.ptnr1_label_asym_id 
_struct_conn.ptnr1_label_comp_id 
_struct_conn.ptnr1_label_seq_id 
_struct_conn.ptnr1_label_atom_id 
_struct_conn.pdbx_ptnr1_label_alt_id 
_struct_conn.pdbx_ptnr1_PDB_ins_code 
_struct_conn.pdbx_ptnr1_standard_comp_id 
_struct_conn.ptnr1_symmetry 
_struct_conn.ptnr2_label_asym_id 
_struct_conn.ptnr2_label_comp_id 
_struct_conn.ptnr2_label_seq_id 
_struct_conn.ptnr2_label_atom_id 
_struct_conn.pdbx_ptnr2_label_alt_id 
_struct_conn.pdbx_ptnr2_PDB_ins_code 
_struct_conn.ptnr1_auth_asym_id 
_struct_conn.ptnr1_auth_comp_id 
_struct_conn.ptnr1_auth_seq_id 
_struct_conn.ptnr2_auth_asym_id 
_struct_conn.ptnr2_auth_comp_id 
_struct_conn.ptnr2_auth_seq_id 
_struct_conn.ptnr2_symmetry 
_struct_conn.pdbx_ptnr3_label_atom_id 
_struct_conn.pdbx_ptnr3_label_seq_id 
_struct_conn.pdbx_ptnr3_label_comp_id 
_struct_conn.pdbx_ptnr3_label_asym_id 
_struct_conn.pdbx_ptnr3_label_alt_id 
_struct_conn.pdbx_ptnr3_PDB_ins_code 
_struct_conn.details 
_struct_conn.pdbx_dist_value 
_struct_conn.pdbx_value_order 
_struct_conn.pdbx_role 
covale1 covale one  ? A ALA 1 N ? ? ? 1_555 A UN1 4 "C1'" ? ? A ALA 1 A UN1 4 1_555 ? ? ? ? ? ? ? 1.333 ? ? 
covale2 covale both ? A ALA 3 C ? ? ? 1_555 A UN1 4 N     ? ? A ALA 3 A UN1 4 1_555 ? ? ? ? ? ? ? 1.331 ? ? 
covale3 covale both ? A UN1 4 C ? ? ? 1_555 A NH2 5 N     ? ? A UN1 4 A NH2 5 1_555 ? ? ? ? ? ? ? 1.338 ? ? 
# 
_struct_conn_type.id          covale 
_struct_conn_type.criteria    ? 
_struct_conn_type.reference   ? 
# 
_atom_sites.entry_id                    5TWI 
_atom_sites.fract_transf_matrix[1][1]   1.000000 
_atom_sites.fract_transf_matrix[1][2]   0.000000 
_atom_sites.fract_transf_matrix[1][3]   0.000000 
_atom_sites.fract_transf_matrix[2][1]   0.000000 
_atom_sites.fract_transf_matrix[2][2]   1.000000 
_atom_sites.fract_transf_matrix[2][3]   0.000000 
_atom_sites.fract_transf_matrix[3][1]   0.000000 
_atom_sites.fract_transf_matrix[3][2]   0.000000 
_atom_sites.fract_transf_matrix[3][3]   1.000000 
_atom_sites.fract_transf_vector[1]      0.00000 
_atom_sites.fract_transf_vector[2]      0.00000 
_atom_sites.fract_transf_vector[3]      0.00000 
# 
loop_
_atom_type.symbol 
C 
H 
N 
O 
# 
loop_
_atom_site.group_PDB 
_atom_site.id 
_atom_site.type_symbol 
_atom_site.label_atom_id 
_atom_site.label_alt_id 
_atom_site.label_comp_id 
_atom_site.label_asym_id 
_atom_site.label_entity_id 
_atom_site.label_seq_id 
_atom_site.pdbx_PDB_ins_code 
_atom_site.Cartn_x 
_atom_site.Cartn_y 
_atom_site.Cartn_z 
_atom_site.occupancy 
_atom_site.B_iso_or_equiv 
_atom_site.pdbx_formal_charge 
_atom_site.auth_seq_id 
_atom_site.auth_comp_id 
_atom_site.auth_asym_id 
_atom_site.auth_atom_id 
_atom_site.pdbx_PDB_model_num 
ATOM   1   N N     . ALA A 1 1 ? 0.528  -2.307 1.821  1.00 0.00 ? 1 ALA A N     1 
ATOM   2   C CA    . ALA A 1 1 ? -0.624 -1.713 2.501  1.00 0.00 ? 1 ALA A CA    1 
ATOM   3   C C     . ALA A 1 1 ? -1.146 -0.479 1.751  1.00 0.00 ? 1 ALA A C     1 
ATOM   4   O O     . ALA A 1 1 ? -1.944 -0.606 0.816  1.00 0.00 ? 1 ALA A O     1 
ATOM   5   C CB    . ALA A 1 1 ? -0.269 -1.373 3.946  1.00 0.00 ? 1 ALA A CB    1 
ATOM   6   H H     . ALA A 1 1 ? 1.383  -2.373 2.295  1.00 0.00 ? 1 ALA A H     1 
ATOM   7   H HA    . ALA A 1 1 ? -1.408 -2.457 2.521  1.00 0.00 ? 1 ALA A HA    1 
ATOM   8   H HB1   . ALA A 1 1 ? -0.215 -2.282 4.526  1.00 0.00 ? 1 ALA A HB1   1 
ATOM   9   H HB2   . ALA A 1 1 ? -1.028 -0.726 4.361  1.00 0.00 ? 1 ALA A HB2   1 
ATOM   10  H HB3   . ALA A 1 1 ? 0.686  -0.871 3.973  1.00 0.00 ? 1 ALA A HB3   1 
ATOM   11  N N     . ARG A 1 2 ? -0.699 0.710  2.163  1.00 0.00 ? 2 ARG A N     1 
ATOM   12  C CA    . ARG A 1 2 ? -1.127 1.953  1.525  1.00 0.00 ? 2 ARG A CA    1 
ATOM   13  C C     . ARG A 1 2 ? -0.534 2.085  0.121  1.00 0.00 ? 2 ARG A C     1 
ATOM   14  O O     . ARG A 1 2 ? -1.197 2.575  -0.795 1.00 0.00 ? 2 ARG A O     1 
ATOM   15  C CB    . ARG A 1 2 ? -0.751 3.177  2.380  1.00 0.00 ? 2 ARG A CB    1 
ATOM   16  C CG    . ARG A 1 2 ? 0.733  3.541  2.380  1.00 0.00 ? 2 ARG A CG    1 
ATOM   17  C CD    . ARG A 1 2 ? 1.588  2.524  3.129  1.00 0.00 ? 2 ARG A CD    1 
ATOM   18  N NE    . ARG A 1 2 ? 1.166  2.360  4.523  1.00 0.00 ? 2 ARG A NE    1 
ATOM   19  C CZ    . ARG A 1 2 ? 1.281  3.307  5.461  1.00 0.00 ? 2 ARG A CZ    1 
ATOM   20  N NH1   . ARG A 1 2 ? 1.846  4.478  5.181  1.00 0.00 ? 2 ARG A NH1   1 
ATOM   21  N NH2   . ARG A 1 2 ? 0.838  3.072  6.693  1.00 0.00 ? 2 ARG A NH2   1 
ATOM   22  H H     . ARG A 1 2 ? -0.073 0.750  2.911  1.00 0.00 ? 2 ARG A H     1 
ATOM   23  H HA    . ARG A 1 2 ? -2.203 1.913  1.434  1.00 0.00 ? 2 ARG A HA    1 
ATOM   24  H HB2   . ARG A 1 2 ? -1.302 4.032  2.016  1.00 0.00 ? 2 ARG A HB2   1 
ATOM   25  H HB3   . ARG A 1 2 ? -1.049 2.986  3.401  1.00 0.00 ? 2 ARG A HB3   1 
ATOM   26  H HG2   . ARG A 1 2 ? 1.079  3.594  1.358  1.00 0.00 ? 2 ARG A HG2   1 
ATOM   27  H HG3   . ARG A 1 2 ? 0.852  4.508  2.846  1.00 0.00 ? 2 ARG A HG3   1 
ATOM   28  H HD2   . ARG A 1 2 ? 1.516  1.572  2.627  1.00 0.00 ? 2 ARG A HD2   1 
ATOM   29  H HD3   . ARG A 1 2 ? 2.614  2.858  3.112  1.00 0.00 ? 2 ARG A HD3   1 
ATOM   30  H HE    . ARG A 1 2 ? 0.766  1.501  4.772  1.00 0.00 ? 2 ARG A HE    1 
ATOM   31  H HH11  . ARG A 1 2 ? 2.194  4.662  4.263  1.00 0.00 ? 2 ARG A HH11  1 
ATOM   32  H HH12  . ARG A 1 2 ? 1.924  5.178  5.892  1.00 0.00 ? 2 ARG A HH12  1 
ATOM   33  H HH21  . ARG A 1 2 ? 0.421  2.191  6.915  1.00 0.00 ? 2 ARG A HH21  1 
ATOM   34  H HH22  . ARG A 1 2 ? 0.920  3.776  7.398  1.00 0.00 ? 2 ARG A HH22  1 
ATOM   35  N N     . ALA A 1 3 ? 0.722  1.655  -0.040 1.00 0.00 ? 3 ALA A N     1 
ATOM   36  C CA    . ALA A 1 3 ? 1.403  1.737  -1.331 1.00 0.00 ? 3 ALA A CA    1 
ATOM   37  C C     . ALA A 1 3 ? 0.914  0.680  -2.310 1.00 0.00 ? 3 ALA A C     1 
ATOM   38  O O     . ALA A 1 3 ? 0.733  0.968  -3.495 1.00 0.00 ? 3 ALA A O     1 
ATOM   39  C CB    . ALA A 1 3 ? 2.912  1.643  -1.147 1.00 0.00 ? 3 ALA A CB    1 
ATOM   40  H H     . ALA A 1 3 ? 1.201  1.280  0.727  1.00 0.00 ? 3 ALA A H     1 
ATOM   41  H HA    . ALA A 1 3 ? 1.176  2.702  -1.747 1.00 0.00 ? 3 ALA A HA    1 
ATOM   42  H HB1   . ALA A 1 3 ? 3.237  2.400  -0.450 1.00 0.00 ? 3 ALA A HB1   1 
ATOM   43  H HB2   . ALA A 1 3 ? 3.400  1.794  -2.098 1.00 0.00 ? 3 ALA A HB2   1 
ATOM   44  H HB3   . ALA A 1 3 ? 3.167  0.667  -0.763 1.00 0.00 ? 3 ALA A HB3   1 
HETATM 45  C "C1'" . UN1 A 1 4 ? 0.436  -2.777 0.576  1.00 0.00 ? 4 UN1 A "C1'" 1 
HETATM 46  O "O1'" . UN1 A 1 4 ? -0.607 -2.743 -0.066 1.00 0.00 ? 4 UN1 A "O1'" 1 
HETATM 47  O O     . UN1 A 1 4 ? -1.942 -2.765 -2.752 1.00 0.00 ? 4 UN1 A O     1 
HETATM 48  C C1    . UN1 A 1 4 ? 1.692  -3.391 -0.020 1.00 0.00 ? 4 UN1 A C1    1 
HETATM 49  C C     . UN1 A 1 4 ? -1.341 -1.740 -2.427 1.00 0.00 ? 4 UN1 A C     1 
HETATM 50  C CA    . UN1 A 1 4 ? 0.161  -1.599 -2.661 1.00 0.00 ? 4 UN1 A CA    1 
HETATM 51  C C5    . UN1 A 1 4 ? 0.892  -2.931 -2.383 1.00 0.00 ? 4 UN1 A C5    1 
HETATM 52  C C6    . UN1 A 1 4 ? 2.054  -2.829 -1.392 1.00 0.00 ? 4 UN1 A C6    1 
HETATM 53  N N     . UN1 A 1 4 ? 0.666  -0.531 -1.816 1.00 0.00 ? 4 UN1 A N     1 
HETATM 54  H H1C1  . UN1 A 1 4 ? 2.517  -3.209 0.654  1.00 0.00 ? 4 UN1 A H1C1  1 
HETATM 55  H H1C2  . UN1 A 1 4 ? 1.539  -4.455 -0.114 1.00 0.00 ? 4 UN1 A H1C2  1 
HETATM 56  H HA    . UN1 A 1 4 ? 0.325  -1.314 -3.690 1.00 0.00 ? 4 UN1 A HA    1 
HETATM 57  H H5C1  . UN1 A 1 4 ? 1.281  -3.309 -3.318 1.00 0.00 ? 4 UN1 A H5C1  1 
HETATM 58  H H5C2  . UN1 A 1 4 ? 0.181  -3.642 -1.992 1.00 0.00 ? 4 UN1 A H5C2  1 
HETATM 59  H H6C1  . UN1 A 1 4 ? 2.337  -1.793 -1.284 1.00 0.00 ? 4 UN1 A H6C1  1 
HETATM 60  H H6C2  . UN1 A 1 4 ? 2.891  -3.387 -1.783 1.00 0.00 ? 4 UN1 A H6C2  1 
HETATM 61  H H     . UN1 A 1 4 ? 0.789  -0.701 -0.858 1.00 0.00 ? 4 UN1 A H     1 
HETATM 62  N N     . NH2 A 1 5 ? -1.931 -0.720 -1.794 1.00 0.00 ? 5 NH2 A N     1 
HETATM 63  H HN1   . NH2 A 1 5 ? -1.395 0.065  -1.571 1.00 0.00 ? 5 NH2 A HN1   1 
HETATM 64  H HN2   . NH2 A 1 5 ? -2.863 -0.802 -1.554 1.00 0.00 ? 5 NH2 A HN2   1 
ATOM   65  N N     . ALA A 1 1 ? 0.599  -2.489 1.629  1.00 0.00 ? 1 ALA A N     2 
ATOM   66  C CA    . ALA A 1 1 ? -0.527 -1.916 2.371  1.00 0.00 ? 1 ALA A CA    2 
ATOM   67  C C     . ALA A 1 1 ? -1.070 -0.654 1.689  1.00 0.00 ? 1 ALA A C     2 
ATOM   68  O O     . ALA A 1 1 ? -1.953 -0.736 0.828  1.00 0.00 ? 1 ALA A O     2 
ATOM   69  C CB    . ALA A 1 1 ? -0.123 -1.631 3.813  1.00 0.00 ? 1 ALA A CB    2 
ATOM   70  H H     . ALA A 1 1 ? 1.464  -2.593 2.079  1.00 0.00 ? 1 ALA A H     2 
ATOM   71  H HA    . ALA A 1 1 ? -1.314 -2.656 2.389  1.00 0.00 ? 1 ALA A HA    2 
ATOM   72  H HB1   . ALA A 1 1 ? -0.855 -0.981 4.271  1.00 0.00 ? 1 ALA A HB1   2 
ATOM   73  H HB2   . ALA A 1 1 ? 0.844  -1.151 3.829  1.00 0.00 ? 1 ALA A HB2   2 
ATOM   74  H HB3   . ALA A 1 1 ? -0.073 -2.560 4.362  1.00 0.00 ? 1 ALA A HB3   2 
ATOM   75  N N     . ARG A 1 2 ? -0.542 0.510  2.076  1.00 0.00 ? 2 ARG A N     2 
ATOM   76  C CA    . ARG A 1 2 ? -0.976 1.781  1.499  1.00 0.00 ? 2 ARG A CA    2 
ATOM   77  C C     . ARG A 1 2 ? -0.441 1.954  0.078  1.00 0.00 ? 2 ARG A C     2 
ATOM   78  O O     . ARG A 1 2 ? -1.151 2.441  -0.803 1.00 0.00 ? 2 ARG A O     2 
ATOM   79  C CB    . ARG A 1 2 ? -0.531 2.956  2.381  1.00 0.00 ? 2 ARG A CB    2 
ATOM   80  C CG    . ARG A 1 2 ? 0.978  3.066  2.555  1.00 0.00 ? 2 ARG A CG    2 
ATOM   81  C CD    . ARG A 1 2 ? 1.351  4.240  3.447  1.00 0.00 ? 2 ARG A CD    2 
ATOM   82  N NE    . ARG A 1 2 ? 2.800  4.360  3.622  1.00 0.00 ? 2 ARG A NE    2 
ATOM   83  C CZ    . ARG A 1 2 ? 3.388  5.306  4.358  1.00 0.00 ? 2 ARG A CZ    2 
ATOM   84  N NH1   . ARG A 1 2 ? 2.658  6.221  4.993  1.00 0.00 ? 2 ARG A NH1   2 
ATOM   85  N NH2   . ARG A 1 2 ? 4.713  5.337  4.462  1.00 0.00 ? 2 ARG A NH2   2 
ATOM   86  H H     . ARG A 1 2 ? 0.157  0.514  2.763  1.00 0.00 ? 2 ARG A H     2 
ATOM   87  H HA    . ARG A 1 2 ? -2.056 1.768  1.460  1.00 0.00 ? 2 ARG A HA    2 
ATOM   88  H HB2   . ARG A 1 2 ? -0.886 3.875  1.938  1.00 0.00 ? 2 ARG A HB2   2 
ATOM   89  H HB3   . ARG A 1 2 ? -0.977 2.844  3.358  1.00 0.00 ? 2 ARG A HB3   2 
ATOM   90  H HG2   . ARG A 1 2 ? 1.346  2.155  3.003  1.00 0.00 ? 2 ARG A HG2   2 
ATOM   91  H HG3   . ARG A 1 2 ? 1.433  3.202  1.586  1.00 0.00 ? 2 ARG A HG3   2 
ATOM   92  H HD2   . ARG A 1 2 ? 0.978  5.149  2.998  1.00 0.00 ? 2 ARG A HD2   2 
ATOM   93  H HD3   . ARG A 1 2 ? 0.891  4.101  4.415  1.00 0.00 ? 2 ARG A HD3   2 
ATOM   94  H HE    . ARG A 1 2 ? 3.365  3.700  3.168  1.00 0.00 ? 2 ARG A HE    2 
ATOM   95  H HH11  . ARG A 1 2 ? 1.661  6.206  4.922  1.00 0.00 ? 2 ARG A HH11  2 
ATOM   96  H HH12  . ARG A 1 2 ? 3.108  6.927  5.542  1.00 0.00 ? 2 ARG A HH12  2 
ATOM   97  H HH21  . ARG A 1 2 ? 5.267  4.653  3.989  1.00 0.00 ? 2 ARG A HH21  2 
ATOM   98  H HH22  . ARG A 1 2 ? 5.155  6.045  5.012  1.00 0.00 ? 2 ARG A HH22  2 
ATOM   99  N N     . ALA A 1 3 ? 0.817  1.559  -0.137 1.00 0.00 ? 3 ALA A N     2 
ATOM   100 C CA    . ALA A 1 3 ? 1.447  1.680  -1.449 1.00 0.00 ? 3 ALA A CA    2 
ATOM   101 C C     . ALA A 1 3 ? 0.907  0.659  -2.440 1.00 0.00 ? 3 ALA A C     2 
ATOM   102 O O     . ALA A 1 3 ? 0.687  0.985  -3.608 1.00 0.00 ? 3 ALA A O     2 
ATOM   103 C CB    . ALA A 1 3 ? 2.960  1.568  -1.331 1.00 0.00 ? 3 ALA A CB    2 
ATOM   104 H H     . ALA A 1 3 ? 1.334  1.183  0.606  1.00 0.00 ? 3 ALA A H     2 
ATOM   105 H HA    . ALA A 1 3 ? 1.210  2.659  -1.824 1.00 0.00 ? 3 ALA A HA    2 
ATOM   106 H HB1   . ALA A 1 3 ? 3.324  2.313  -0.640 1.00 0.00 ? 3 ALA A HB1   2 
ATOM   107 H HB2   . ALA A 1 3 ? 3.410  1.727  -2.300 1.00 0.00 ? 3 ALA A HB2   2 
ATOM   108 H HB3   . ALA A 1 3 ? 3.221  0.584  -0.970 1.00 0.00 ? 3 ALA A HB3   2 
HETATM 109 C "C1'" . UN1 A 1 4 ? 0.469  -2.891 0.365  1.00 0.00 ? 4 UN1 A "C1'" 2 
HETATM 110 O "O1'" . UN1 A 1 4 ? -0.590 -2.810 -0.246 1.00 0.00 ? 4 UN1 A "O1'" 2 
HETATM 111 O O     . UN1 A 1 4 ? -2.027 -2.706 -2.922 1.00 0.00 ? 4 UN1 A O     2 
HETATM 112 C C1    . UN1 A 1 4 ? 1.701  -3.493 -0.294 1.00 0.00 ? 4 UN1 A C1    2 
HETATM 113 C C     . UN1 A 1 4 ? -1.389 -1.724 -2.542 1.00 0.00 ? 4 UN1 A C     2 
HETATM 114 C CA    . UN1 A 1 4 ? 0.107  -1.598 -2.827 1.00 0.00 ? 4 UN1 A CA    2 
HETATM 115 C C5    . UN1 A 1 4 ? 0.828  -2.947 -2.612 1.00 0.00 ? 4 UN1 A C5    2 
HETATM 116 C C6    . UN1 A 1 4 ? 2.023  -2.888 -1.658 1.00 0.00 ? 4 UN1 A C6    2 
HETATM 117 N N     . UN1 A 1 4 ? 0.660  -0.561 -1.973 1.00 0.00 ? 4 UN1 A N     2 
HETATM 118 H H1C1  . UN1 A 1 4 ? 2.549  -3.340 0.358  1.00 0.00 ? 4 UN1 A H1C1  2 
HETATM 119 H H1C2  . UN1 A 1 4 ? 1.536  -4.552 -0.418 1.00 0.00 ? 4 UN1 A H1C2  2 
HETATM 120 H HA    . UN1 A 1 4 ? 0.238  -1.286 -3.853 1.00 0.00 ? 4 UN1 A HA    2 
HETATM 121 H H5C1  . UN1 A 1 4 ? 1.181  -3.302 -3.570 1.00 0.00 ? 4 UN1 A H5C1  2 
HETATM 122 H H5C2  . UN1 A 1 4 ? 0.120  -3.659 -2.219 1.00 0.00 ? 4 UN1 A H5C2  2 
HETATM 123 H H6C1  . UN1 A 1 4 ? 2.319  -1.858 -1.523 1.00 0.00 ? 4 UN1 A H6C1  2 
HETATM 124 H H6C2  . UN1 A 1 4 ? 2.842  -3.440 -2.095 1.00 0.00 ? 4 UN1 A H6C2  2 
HETATM 125 H H     . UN1 A 1 4 ? 0.814  -0.761 -1.025 1.00 0.00 ? 4 UN1 A H     2 
HETATM 126 N N     . NH2 A 1 5 ? -1.931 -0.741 -1.811 1.00 0.00 ? 5 NH2 A N     2 
HETATM 127 H HN1   . NH2 A 1 5 ? -1.367 0.011  -1.547 1.00 0.00 ? 5 NH2 A HN1   2 
HETATM 128 H HN2   . NH2 A 1 5 ? -2.856 -0.818 -1.549 1.00 0.00 ? 5 NH2 A HN2   2 
ATOM   129 N N     . ALA A 1 1 ? 0.756  -2.782 1.392  1.00 0.00 ? 1 ALA A N     3 
ATOM   130 C CA    . ALA A 1 1 ? -0.358 -2.420 2.271  1.00 0.00 ? 1 ALA A CA    3 
ATOM   131 C C     . ALA A 1 1 ? -1.013 -1.102 1.841  1.00 0.00 ? 1 ALA A C     3 
ATOM   132 O O     . ALA A 1 1 ? -1.957 -1.101 1.042  1.00 0.00 ? 1 ALA A O     3 
ATOM   133 C CB    . ALA A 1 1 ? 0.109  -2.353 3.721  1.00 0.00 ? 1 ALA A CB    3 
ATOM   134 H H     . ALA A 1 1 ? 1.650  -2.901 1.777  1.00 0.00 ? 1 ALA A H     3 
ATOM   135 H HA    . ALA A 1 1 ? -1.097 -3.206 2.199  1.00 0.00 ? 1 ALA A HA    3 
ATOM   136 H HB1   . ALA A 1 1 ? 1.048  -1.823 3.773  1.00 0.00 ? 1 ALA A HB1   3 
ATOM   137 H HB2   . ALA A 1 1 ? 0.240  -3.355 4.103  1.00 0.00 ? 1 ALA A HB2   3 
ATOM   138 H HB3   . ALA A 1 1 ? -0.631 -1.836 4.314  1.00 0.00 ? 1 ALA A HB3   3 
ATOM   139 N N     . ARG A 1 2 ? -0.512 0.016  2.372  1.00 0.00 ? 2 ARG A N     3 
ATOM   140 C CA    . ARG A 1 2 ? -1.049 1.333  2.041  1.00 0.00 ? 2 ARG A CA    3 
ATOM   141 C C     . ARG A 1 2 ? -0.628 1.758  0.635  1.00 0.00 ? 2 ARG A C     3 
ATOM   142 O O     . ARG A 1 2 ? -1.438 2.287  -0.129 1.00 0.00 ? 2 ARG A O     3 
ATOM   143 C CB    . ARG A 1 2 ? -0.582 2.371  3.068  1.00 0.00 ? 2 ARG A CB    3 
ATOM   144 C CG    . ARG A 1 2 ? -1.142 3.764  2.828  1.00 0.00 ? 2 ARG A CG    3 
ATOM   145 C CD    . ARG A 1 2 ? -0.650 4.750  3.877  1.00 0.00 ? 2 ARG A CD    3 
ATOM   146 N NE    . ARG A 1 2 ? -1.180 6.097  3.660  1.00 0.00 ? 2 ARG A NE    3 
ATOM   147 C CZ    . ARG A 1 2 ? -0.901 7.145  4.439  1.00 0.00 ? 2 ARG A CZ    3 
ATOM   148 N NH1   . ARG A 1 2 ? -0.097 7.010  5.492  1.00 0.00 ? 2 ARG A NH1   3 
ATOM   149 N NH2   . ARG A 1 2 ? -1.429 8.334  4.166  1.00 0.00 ? 2 ARG A NH2   3 
ATOM   150 H H     . ARG A 1 2 ? 0.238  -0.047 2.998  1.00 0.00 ? 2 ARG A H     3 
ATOM   151 H HA    . ARG A 1 2 ? -2.127 1.267  2.075  1.00 0.00 ? 2 ARG A HA    3 
ATOM   152 H HB2   . ARG A 1 2 ? -0.887 2.047  4.051  1.00 0.00 ? 2 ARG A HB2   3 
ATOM   153 H HB3   . ARG A 1 2 ? 0.496  2.429  3.037  1.00 0.00 ? 2 ARG A HB3   3 
ATOM   154 H HG2   . ARG A 1 2 ? -0.828 4.106  1.854  1.00 0.00 ? 2 ARG A HG2   3 
ATOM   155 H HG3   . ARG A 1 2 ? -2.221 3.719  2.867  1.00 0.00 ? 2 ARG A HG3   3 
ATOM   156 H HD2   . ARG A 1 2 ? -0.962 4.404  4.851  1.00 0.00 ? 2 ARG A HD2   3 
ATOM   157 H HD3   . ARG A 1 2 ? 0.429  4.787  3.837  1.00 0.00 ? 2 ARG A HD3   3 
ATOM   158 H HE    . ARG A 1 2 ? -1.776 6.230  2.893  1.00 0.00 ? 2 ARG A HE    3 
ATOM   159 H HH11  . ARG A 1 2 ? 0.306  6.121  5.706  1.00 0.00 ? 2 ARG A HH11  3 
ATOM   160 H HH12  . ARG A 1 2 ? 0.106  7.801  6.069  1.00 0.00 ? 2 ARG A HH12  3 
ATOM   161 H HH21  . ARG A 1 2 ? -2.035 8.443  3.376  1.00 0.00 ? 2 ARG A HH21  3 
ATOM   162 H HH22  . ARG A 1 2 ? -1.222 9.120  4.748  1.00 0.00 ? 2 ARG A HH22  3 
ATOM   163 N N     . ALA A 1 3 ? 0.646  1.534  0.304  1.00 0.00 ? 3 ALA A N     3 
ATOM   164 C CA    . ALA A 1 3 ? 1.177  1.904  -1.005 1.00 0.00 ? 3 ALA A CA    3 
ATOM   165 C C     . ALA A 1 3 ? 0.636  1.017  -2.119 1.00 0.00 ? 3 ALA A C     3 
ATOM   166 O O     . ALA A 1 3 ? 0.322  1.507  -3.204 1.00 0.00 ? 3 ALA A O     3 
ATOM   167 C CB    . ALA A 1 3 ? 2.700  1.883  -0.992 1.00 0.00 ? 3 ALA A CB    3 
ATOM   168 H H     . ALA A 1 3 ? 1.243  1.115  0.960  1.00 0.00 ? 3 ALA A H     3 
ATOM   169 H HA    . ALA A 1 3 ? 0.858  2.911  -1.203 1.00 0.00 ? 3 ALA A HA    3 
ATOM   170 H HB1   . ALA A 1 3 ? 3.072  2.216  -1.950 1.00 0.00 ? 3 ALA A HB1   3 
ATOM   171 H HB2   . ALA A 1 3 ? 3.045  0.877  -0.804 1.00 0.00 ? 3 ALA A HB2   3 
ATOM   172 H HB3   . ALA A 1 3 ? 3.062  2.540  -0.216 1.00 0.00 ? 3 ALA A HB3   3 
HETATM 173 C "C1'" . UN1 A 1 4 ? 0.579  -2.972 0.085  1.00 0.00 ? 4 UN1 A "C1'" 3 
HETATM 174 O "O1'" . UN1 A 1 4 ? -0.515 -2.860 -0.455 1.00 0.00 ? 4 UN1 A "O1'" 3 
HETATM 175 O O     . UN1 A 1 4 ? -2.119 -2.416 -2.994 1.00 0.00 ? 4 UN1 A O     3 
HETATM 176 C C1    . UN1 A 1 4 ? 1.805  -3.368 -0.724 1.00 0.00 ? 4 UN1 A C1    3 
HETATM 177 C C     . UN1 A 1 4 ? -1.515 -1.472 -2.484 1.00 0.00 ? 4 UN1 A C     3 
HETATM 178 C CA    . UN1 A 1 4 ? -0.050 -1.199 -2.824 1.00 0.00 ? 4 UN1 A CA    3 
HETATM 179 C C5    . UN1 A 1 4 ? 0.763  -2.510 -2.872 1.00 0.00 ? 4 UN1 A C5    3 
HETATM 180 C C6    . UN1 A 1 4 ? 2.007  -2.526 -1.981 1.00 0.00 ? 4 UN1 A C6    3 
HETATM 181 N N     . UN1 A 1 4 ? 0.494  -0.277 -1.843 1.00 0.00 ? 4 UN1 A N     3 
HETATM 182 H H1C1  . UN1 A 1 4 ? 2.679  -3.265 -0.097 1.00 0.00 ? 4 UN1 A H1C1  3 
HETATM 183 H H1C2  . UN1 A 1 4 ? 1.698  -4.402 -1.015 1.00 0.00 ? 4 UN1 A H1C2  3 
HETATM 184 H HA    . UN1 A 1 4 ? -0.004 -0.719 -3.791 1.00 0.00 ? 4 UN1 A HA    3 
HETATM 185 H H5C1  . UN1 A 1 4 ? 1.079  -2.680 -3.891 1.00 0.00 ? 4 UN1 A H5C1  3 
HETATM 186 H H5C2  . UN1 A 1 4 ? 0.123  -3.326 -2.570 1.00 0.00 ? 4 UN1 A H5C2  3 
HETATM 187 H H6C1  . UN1 A 1 4 ? 2.247  -1.515 -1.690 1.00 0.00 ? 4 UN1 A H6C1  3 
HETATM 188 H H6C2  . UN1 A 1 4 ? 2.830  -2.940 -2.544 1.00 0.00 ? 4 UN1 A H6C2  3 
HETATM 189 H H     . UN1 A 1 4 ? 0.720  -0.614 -0.950 1.00 0.00 ? 4 UN1 A H     3 
HETATM 190 N N     . NH2 A 1 5 ? -2.065 -0.665 -1.567 1.00 0.00 ? 5 NH2 A N     3 
HETATM 191 H HN1   . NH2 A 1 5 ? -1.528 0.068  -1.208 1.00 0.00 ? 5 NH2 A HN1   3 
HETATM 192 H HN2   . NH2 A 1 5 ? -2.966 -0.846 -1.275 1.00 0.00 ? 5 NH2 A HN2   3 
ATOM   193 N N     . ALA A 1 1 ? 0.450  -2.777 1.434  1.00 0.00 ? 1 ALA A N     4 
ATOM   194 C CA    . ALA A 1 1 ? -0.618 -2.209 2.258  1.00 0.00 ? 1 ALA A CA    4 
ATOM   195 C C     . ALA A 1 1 ? -1.058 -0.833 1.748  1.00 0.00 ? 1 ALA A C     4 
ATOM   196 O O     . ALA A 1 1 ? -2.012 -0.727 0.971  1.00 0.00 ? 1 ALA A O     4 
ATOM   197 C CB    . ALA A 1 1 ? -0.183 -2.137 3.718  1.00 0.00 ? 1 ALA A CB    4 
ATOM   198 H H     . ALA A 1 1 ? 1.312  -2.991 1.849  1.00 0.00 ? 1 ALA A H     4 
ATOM   199 H HA    . ALA A 1 1 ? -1.463 -2.878 2.199  1.00 0.00 ? 1 ALA A HA    4 
ATOM   200 H HB1   . ALA A 1 1 ? 0.824  -1.750 3.776  1.00 0.00 ? 1 ALA A HB1   4 
ATOM   201 H HB2   . ALA A 1 1 ? -0.213 -3.127 4.151  1.00 0.00 ? 1 ALA A HB2   4 
ATOM   202 H HB3   . ALA A 1 1 ? -0.851 -1.485 4.263  1.00 0.00 ? 1 ALA A HB3   4 
ATOM   203 N N     . ARG A 1 2 ? -0.363 0.213  2.190  1.00 0.00 ? 2 ARG A N     4 
ATOM   204 C CA    . ARG A 1 2 ? -0.681 1.579  1.785  1.00 0.00 ? 2 ARG A CA    4 
ATOM   205 C C     . ARG A 1 2 ? -0.221 1.857  0.355  1.00 0.00 ? 2 ARG A C     4 
ATOM   206 O O     . ARG A 1 2 ? -0.956 2.454  -0.434 1.00 0.00 ? 2 ARG A O     4 
ATOM   207 C CB    . ARG A 1 2 ? -0.032 2.574  2.749  1.00 0.00 ? 2 ARG A CB    4 
ATOM   208 C CG    . ARG A 1 2 ? -0.585 2.495  4.165  1.00 0.00 ? 2 ARG A CG    4 
ATOM   209 C CD    . ARG A 1 2 ? 0.320  3.207  5.161  1.00 0.00 ? 2 ARG A CD    4 
ATOM   210 N NE    . ARG A 1 2 ? 1.613  2.532  5.307  1.00 0.00 ? 2 ARG A NE    4 
ATOM   211 C CZ    . ARG A 1 2 ? 1.765  1.297  5.798  1.00 0.00 ? 2 ARG A CZ    4 
ATOM   212 N NH1   . ARG A 1 2 ? 0.717  0.610  6.245  1.00 0.00 ? 2 ARG A NH1   4 
ATOM   213 N NH2   . ARG A 1 2 ? 2.976  0.752  5.853  1.00 0.00 ? 2 ARG A NH2   4 
ATOM   214 H H     . ARG A 1 2 ? 0.384  0.063  2.807  1.00 0.00 ? 2 ARG A H     4 
ATOM   215 H HA    . ARG A 1 2 ? -1.753 1.697  1.833  1.00 0.00 ? 2 ARG A HA    4 
ATOM   216 H HB2   . ARG A 1 2 ? 1.030  2.380  2.788  1.00 0.00 ? 2 ARG A HB2   4 
ATOM   217 H HB3   . ARG A 1 2 ? -0.192 3.575  2.378  1.00 0.00 ? 2 ARG A HB3   4 
ATOM   218 H HG2   . ARG A 1 2 ? -1.561 2.957  4.186  1.00 0.00 ? 2 ARG A HG2   4 
ATOM   219 H HG3   . ARG A 1 2 ? -0.671 1.456  4.447  1.00 0.00 ? 2 ARG A HG3   4 
ATOM   220 H HD2   . ARG A 1 2 ? 0.490  4.216  4.814  1.00 0.00 ? 2 ARG A HD2   4 
ATOM   221 H HD3   . ARG A 1 2 ? -0.173 3.234  6.122  1.00 0.00 ? 2 ARG A HD3   4 
ATOM   222 H HE    . ARG A 1 2 ? 2.408  3.020  5.008  1.00 0.00 ? 2 ARG A HE    4 
ATOM   223 H HH11  . ARG A 1 2 ? -0.197 1.013  6.219  1.00 0.00 ? 2 ARG A HH11  4 
ATOM   224 H HH12  . ARG A 1 2 ? 0.842  -0.315 6.605  1.00 0.00 ? 2 ARG A HH12  4 
ATOM   225 H HH21  . ARG A 1 2 ? 3.771  1.264  5.530  1.00 0.00 ? 2 ARG A HH21  4 
ATOM   226 H HH22  . ARG A 1 2 ? 3.092  -0.171 6.221  1.00 0.00 ? 2 ARG A HH22  4 
ATOM   227 N N     . ALA A 1 3 ? 0.998  1.430  0.032  1.00 0.00 ? 3 ALA A N     4 
ATOM   228 C CA    . ALA A 1 3 ? 1.557  1.644  -1.300 1.00 0.00 ? 3 ALA A CA    4 
ATOM   229 C C     . ALA A 1 3 ? 0.907  0.754  -2.349 1.00 0.00 ? 3 ALA A C     4 
ATOM   230 O O     . ALA A 1 3 ? 0.658  1.199  -3.471 1.00 0.00 ? 3 ALA A O     4 
ATOM   231 C CB    . ALA A 1 3 ? 3.066  1.446  -1.287 1.00 0.00 ? 3 ALA A CB    4 
ATOM   232 H H     . ALA A 1 3 ? 1.538  0.966  0.706  1.00 0.00 ? 3 ALA A H     4 
ATOM   233 H HA    . ALA A 1 3 ? 1.355  2.665  -1.566 1.00 0.00 ? 3 ALA A HA    4 
ATOM   234 H HB1   . ALA A 1 3 ? 3.522  2.197  -0.659 1.00 0.00 ? 3 ALA A HB1   4 
ATOM   235 H HB2   . ALA A 1 3 ? 3.450  1.538  -2.293 1.00 0.00 ? 3 ALA A HB2   4 
ATOM   236 H HB3   . ALA A 1 3 ? 3.298  0.465  -0.902 1.00 0.00 ? 3 ALA A HB3   4 
HETATM 237 C "C1'" . UN1 A 1 4 ? 0.270  -3.032 0.139  1.00 0.00 ? 4 UN1 A "C1'" 4 
HETATM 238 O "O1'" . UN1 A 1 4 ? -0.789 -2.810 -0.434 1.00 0.00 ? 4 UN1 A "O1'" 4 
HETATM 239 O O     . UN1 A 1 4 ? -2.263 -2.348 -3.021 1.00 0.00 ? 4 UN1 A O     4 
HETATM 240 C C1    . UN1 A 1 4 ? 1.443  -3.648 -0.607 1.00 0.00 ? 4 UN1 A C1    4 
HETATM 241 C C     . UN1 A 1 4 ? -1.541 -1.467 -2.554 1.00 0.00 ? 4 UN1 A C     4 
HETATM 242 C CA    . UN1 A 1 4 ? -0.053 -1.401 -2.898 1.00 0.00 ? 4 UN1 A CA    4 
HETATM 243 C C5    . UN1 A 1 4 ? 0.593  -2.802 -2.848 1.00 0.00 ? 4 UN1 A C5    4 
HETATM 244 C C6    . UN1 A 1 4 ? 1.795  -2.923 -1.904 1.00 0.00 ? 4 UN1 A C6    4 
HETATM 245 N N     . UN1 A 1 4 ? 0.600  -0.487 -1.981 1.00 0.00 ? 4 UN1 A N     4 
HETATM 246 H H1C1  . UN1 A 1 4 ? 2.308  -3.632 0.040  1.00 0.00 ? 4 UN1 A H1C1  4 
HETATM 247 H H1C2  . UN1 A 1 4 ? 1.194  -4.672 -0.842 1.00 0.00 ? 4 UN1 A H1C2  4 
HETATM 248 H HA    . UN1 A 1 4 ? 0.053  -1.000 -3.896 1.00 0.00 ? 4 UN1 A HA    4 
HETATM 249 H H5C1  . UN1 A 1 4 ? 0.924  -3.062 -3.844 1.00 0.00 ? 4 UN1 A H5C1  4 
HETATM 250 H H5C2  . UN1 A 1 4 ? -0.151 -3.517 -2.534 1.00 0.00 ? 4 UN1 A H5C2  4 
HETATM 251 H H6C1  . UN1 A 1 4 ? 2.160  -1.935 -1.667 1.00 0.00 ? 4 UN1 A H6C1  4 
HETATM 252 H H6C2  . UN1 A 1 4 ? 2.573  -3.479 -2.407 1.00 0.00 ? 4 UN1 A H6C2  4 
HETATM 253 H H     . UN1 A 1 4 ? 0.781  -0.784 -1.063 1.00 0.00 ? 4 UN1 A H     4 
HETATM 254 N N     . NH2 A 1 5 ? -1.983 -0.553 -1.680 1.00 0.00 ? 5 NH2 A N     4 
HETATM 255 H HN1   . NH2 A 1 5 ? -1.357 0.120  -1.353 1.00 0.00 ? 5 NH2 A HN1   4 
HETATM 256 H HN2   . NH2 A 1 5 ? -2.901 -0.602 -1.384 1.00 0.00 ? 5 NH2 A HN2   4 
ATOM   257 N N     . ALA A 1 1 ? 0.671  -2.398 1.694  1.00 0.00 ? 1 ALA A N     5 
ATOM   258 C CA    . ALA A 1 1 ? -0.321 -1.762 2.564  1.00 0.00 ? 1 ALA A CA    5 
ATOM   259 C C     . ALA A 1 1 ? -0.858 -0.462 1.956  1.00 0.00 ? 1 ALA A C     5 
ATOM   260 O O     . ALA A 1 1 ? -1.881 -0.470 1.259  1.00 0.00 ? 1 ALA A O     5 
ATOM   261 C CB    . ALA A 1 1 ? 0.266  -1.516 3.949  1.00 0.00 ? 1 ALA A CB    5 
ATOM   262 H H     . ALA A 1 1 ? 1.574  -2.562 2.038  1.00 0.00 ? 1 ALA A H     5 
ATOM   263 H HA    . ALA A 1 1 ? -1.145 -2.452 2.674  1.00 0.00 ? 1 ALA A HA    5 
ATOM   264 H HB1   . ALA A 1 1 ? 1.245  -1.067 3.851  1.00 0.00 ? 1 ALA A HB1   5 
ATOM   265 H HB2   . ALA A 1 1 ? 0.353  -2.455 4.475  1.00 0.00 ? 1 ALA A HB2   5 
ATOM   266 H HB3   . ALA A 1 1 ? -0.380 -0.851 4.502  1.00 0.00 ? 1 ALA A HB3   5 
ATOM   267 N N     . ARG A 1 2 ? -0.169 0.648  2.219  1.00 0.00 ? 2 ARG A N     5 
ATOM   268 C CA    . ARG A 1 2 ? -0.578 1.951  1.699  1.00 0.00 ? 2 ARG A CA    5 
ATOM   269 C C     . ARG A 1 2 ? -0.236 2.082  0.216  1.00 0.00 ? 2 ARG A C     5 
ATOM   270 O O     . ARG A 1 2 ? -1.045 2.573  -0.573 1.00 0.00 ? 2 ARG A O     5 
ATOM   271 C CB    . ARG A 1 2 ? 0.083  3.088  2.489  1.00 0.00 ? 2 ARG A CB    5 
ATOM   272 C CG    . ARG A 1 2 ? -0.452 3.258  3.907  1.00 0.00 ? 2 ARG A CG    5 
ATOM   273 C CD    . ARG A 1 2 ? -0.127 2.061  4.791  1.00 0.00 ? 2 ARG A CD    5 
ATOM   274 N NE    . ARG A 1 2 ? -0.612 2.236  6.160  1.00 0.00 ? 2 ARG A NE    5 
ATOM   275 C CZ    . ARG A 1 2 ? -1.904 2.264  6.504  1.00 0.00 ? 2 ARG A CZ    5 
ATOM   276 N NH1   . ARG A 1 2 ? -2.855 2.082  5.589  1.00 0.00 ? 2 ARG A NH1   5 
ATOM   277 N NH2   . ARG A 1 2 ? -2.247 2.463  7.773  1.00 0.00 ? 2 ARG A NH2   5 
ATOM   278 H H     . ARG A 1 2 ? 0.636  0.591  2.775  1.00 0.00 ? 2 ARG A H     5 
ATOM   279 H HA    . ARG A 1 2 ? -1.650 2.027  1.811  1.00 0.00 ? 2 ARG A HA    5 
ATOM   280 H HB2   . ARG A 1 2 ? 1.144  2.895  2.551  1.00 0.00 ? 2 ARG A HB2   5 
ATOM   281 H HB3   . ARG A 1 2 ? -0.072 4.015  1.958  1.00 0.00 ? 2 ARG A HB3   5 
ATOM   282 H HG2   . ARG A 1 2 ? -0.008 4.141  4.342  1.00 0.00 ? 2 ARG A HG2   5 
ATOM   283 H HG3   . ARG A 1 2 ? -1.524 3.381  3.861  1.00 0.00 ? 2 ARG A HG3   5 
ATOM   284 H HD2   . ARG A 1 2 ? -0.589 1.183  4.369  1.00 0.00 ? 2 ARG A HD2   5 
ATOM   285 H HD3   . ARG A 1 2 ? 0.945  1.927  4.813  1.00 0.00 ? 2 ARG A HD3   5 
ATOM   286 H HE    . ARG A 1 2 ? 0.061  2.352  6.863  1.00 0.00 ? 2 ARG A HE    5 
ATOM   287 H HH11  . ARG A 1 2 ? -2.609 1.919  4.634  1.00 0.00 ? 2 ARG A HH11  5 
ATOM   288 H HH12  . ARG A 1 2 ? -3.818 2.106  5.858  1.00 0.00 ? 2 ARG A HH12  5 
ATOM   289 H HH21  . ARG A 1 2 ? -1.539 2.590  8.468  1.00 0.00 ? 2 ARG A HH21  5 
ATOM   290 H HH22  . ARG A 1 2 ? -3.212 2.484  8.034  1.00 0.00 ? 2 ARG A HH22  5 
ATOM   291 N N     . ALA A 1 3 ? 0.970  1.645  -0.154 1.00 0.00 ? 3 ALA A N     5 
ATOM   292 C CA    . ALA A 1 3 ? 1.421  1.721  -1.541 1.00 0.00 ? 3 ALA A CA    5 
ATOM   293 C C     . ALA A 1 3 ? 0.688  0.732  -2.438 1.00 0.00 ? 3 ALA A C     5 
ATOM   294 O O     . ALA A 1 3 ? 0.340  1.063  -3.573 1.00 0.00 ? 3 ALA A O     5 
ATOM   295 C CB    . ALA A 1 3 ? 2.926  1.513  -1.630 1.00 0.00 ? 3 ALA A CB    5 
ATOM   296 H H     . ALA A 1 3 ? 1.571  1.268  0.523  1.00 0.00 ? 3 ALA A H     5 
ATOM   297 H HA    . ALA A 1 3 ? 1.197  2.711  -1.893 1.00 0.00 ? 3 ALA A HA    5 
ATOM   298 H HB1   . ALA A 1 3 ? 3.427  2.241  -1.008 1.00 0.00 ? 3 ALA A HB1   5 
ATOM   299 H HB2   . ALA A 1 3 ? 3.247  1.635  -2.654 1.00 0.00 ? 3 ALA A HB2   5 
ATOM   300 H HB3   . ALA A 1 3 ? 3.173  0.518  -1.291 1.00 0.00 ? 3 ALA A HB3   5 
HETATM 301 C "C1'" . UN1 A 1 4 ? 0.367  -2.780 0.455  1.00 0.00 ? 4 UN1 A "C1'" 5 
HETATM 302 O "O1'" . UN1 A 1 4 ? -0.749 -2.625 -0.027 1.00 0.00 ? 4 UN1 A "O1'" 5 
HETATM 303 O O     . UN1 A 1 4 ? -2.509 -2.423 -2.490 1.00 0.00 ? 4 UN1 A O     5 
HETATM 304 C C1    . UN1 A 1 4 ? 1.470  -3.455 -0.348 1.00 0.00 ? 4 UN1 A C1    5 
HETATM 305 C C     . UN1 A 1 4 ? -1.758 -1.492 -2.195 1.00 0.00 ? 4 UN1 A C     5 
HETATM 306 C CA    . UN1 A 1 4 ? -0.308 -1.465 -2.679 1.00 0.00 ? 4 UN1 A CA    5 
HETATM 307 C C5    . UN1 A 1 4 ? 0.347  -2.856 -2.545 1.00 0.00 ? 4 UN1 A C5    5 
HETATM 308 C C6    . UN1 A 1 4 ? 1.655  -2.872 -1.747 1.00 0.00 ? 4 UN1 A C6    5 
HETATM 309 N N     . UN1 A 1 4 ? 0.420  -0.464 -1.921 1.00 0.00 ? 4 UN1 A N     5 
HETATM 310 H H1C1  . UN1 A 1 4 ? 2.400  -3.350 0.192  1.00 0.00 ? 4 UN1 A H1C1  5 
HETATM 311 H H1C2  . UN1 A 1 4 ? 1.230  -4.502 -0.440 1.00 0.00 ? 4 UN1 A H1C2  5 
HETATM 312 H HA    . UN1 A 1 4 ? -0.296 -1.168 -3.718 1.00 0.00 ? 4 UN1 A HA    5 
HETATM 313 H H5C1  . UN1 A 1 4 ? 0.555  -3.234 -3.535 1.00 0.00 ? 4 UN1 A H5C1  5 
HETATM 314 H H5C2  . UN1 A 1 4 ? -0.349 -3.523 -2.059 1.00 0.00 ? 4 UN1 A H5C2  5 
HETATM 315 H H6C1  . UN1 A 1 4 ? 2.029  -1.863 -1.661 1.00 0.00 ? 4 UN1 A H6C1  5 
HETATM 316 H H6C2  . UN1 A 1 4 ? 2.375  -3.476 -2.278 1.00 0.00 ? 4 UN1 A H6C2  5 
HETATM 317 H H     . UN1 A 1 4 ? 0.681  -0.667 -0.998 1.00 0.00 ? 4 UN1 A H     5 
HETATM 318 N N     . NH2 A 1 5 ? -2.129 -0.483 -1.396 1.00 0.00 ? 5 NH2 A N     5 
HETATM 319 H HN1   . NH2 A 1 5 ? -1.483 0.224  -1.208 1.00 0.00 ? 5 NH2 A HN1   5 
HETATM 320 H HN2   . NH2 A 1 5 ? -3.015 -0.497 -1.014 1.00 0.00 ? 5 NH2 A HN2   5 
# 
loop_
_pdbx_poly_seq_scheme.asym_id 
_pdbx_poly_seq_scheme.entity_id 
_pdbx_poly_seq_scheme.seq_id 
_pdbx_poly_seq_scheme.mon_id 
_pdbx_poly_seq_scheme.ndb_seq_num 
_pdbx_poly_seq_scheme.pdb_seq_num 
_pdbx_poly_seq_scheme.auth_seq_num 
_pdbx_poly_seq_scheme.pdb_mon_id 
_pdbx_poly_seq_scheme.auth_mon_id 
_pdbx_poly_seq_scheme.pdb_strand_id 
_pdbx_poly_seq_scheme.pdb_ins_code 
_pdbx_poly_seq_scheme.hetero 
A 1 1 ALA 1 1 1 ALA ALA A . n 
A 1 2 ARG 2 2 2 ARG ARG A . n 
A 1 3 ALA 3 3 3 ALA ALA A . n 
A 1 4 UN1 4 4 4 UN1 GLU A . n 
A 1 5 NH2 5 5 4 NH2 GLU A . n 
# 
_pdbx_struct_assembly.id                   1 
_pdbx_struct_assembly.details              author_defined_assembly 
_pdbx_struct_assembly.method_details       ? 
_pdbx_struct_assembly.oligomeric_details   monomeric 
_pdbx_struct_assembly.oligomeric_count     1 
# 
_pdbx_struct_assembly_gen.assembly_id       1 
_pdbx_struct_assembly_gen.oper_expression   1 
_pdbx_struct_assembly_gen.asym_id_list      A 
# 
loop_
_pdbx_struct_assembly_prop.biol_id 
_pdbx_struct_assembly_prop.type 
_pdbx_struct_assembly_prop.value 
_pdbx_struct_assembly_prop.details 
1 'ABSA (A^2)' 390 ? 
1 MORE         5   ? 
1 'SSA (A^2)'  540 ? 
# 
_pdbx_struct_oper_list.id                   1 
_pdbx_struct_oper_list.type                 'identity operation' 
_pdbx_struct_oper_list.name                 1_555 
_pdbx_struct_oper_list.symmetry_operation   ? 
_pdbx_struct_oper_list.matrix[1][1]         1.0000000000 
_pdbx_struct_oper_list.matrix[1][2]         0.0000000000 
_pdbx_struct_oper_list.matrix[1][3]         0.0000000000 
_pdbx_struct_oper_list.vector[1]            0.0000000000 
_pdbx_struct_oper_list.matrix[2][1]         0.0000000000 
_pdbx_struct_oper_list.matrix[2][2]         1.0000000000 
_pdbx_struct_oper_list.matrix[2][3]         0.0000000000 
_pdbx_struct_oper_list.vector[2]            0.0000000000 
_pdbx_struct_oper_list.matrix[3][1]         0.0000000000 
_pdbx_struct_oper_list.matrix[3][2]         0.0000000000 
_pdbx_struct_oper_list.matrix[3][3]         1.0000000000 
_pdbx_struct_oper_list.vector[3]            0.0000000000 
# 
loop_
_pdbx_audit_revision_history.ordinal 
_pdbx_audit_revision_history.data_content_type 
_pdbx_audit_revision_history.major_revision 
_pdbx_audit_revision_history.minor_revision 
_pdbx_audit_revision_history.revision_date 
1 'Structure model' 1 0 2016-12-14 
2 'Structure model' 1 1 2019-11-06 
3 'Structure model' 2 0 2023-11-15 
# 
_pdbx_audit_revision_details.ordinal             1 
_pdbx_audit_revision_details.revision_ordinal    1 
_pdbx_audit_revision_details.data_content_type   'Structure model' 
_pdbx_audit_revision_details.provider            repository 
_pdbx_audit_revision_details.type                'Initial release' 
_pdbx_audit_revision_details.description         ? 
_pdbx_audit_revision_details.details             ? 
# 
loop_
_pdbx_audit_revision_group.ordinal 
_pdbx_audit_revision_group.revision_ordinal 
_pdbx_audit_revision_group.data_content_type 
_pdbx_audit_revision_group.group 
1 2 'Structure model' 'Data collection'      
2 2 'Structure model' 'Database references'  
3 2 'Structure model' 'Structure summary'    
4 3 'Structure model' 'Atomic model'         
5 3 'Structure model' 'Data collection'      
6 3 'Structure model' 'Database references'  
7 3 'Structure model' 'Derived calculations' 
# 
loop_
_pdbx_audit_revision_category.ordinal 
_pdbx_audit_revision_category.revision_ordinal 
_pdbx_audit_revision_category.data_content_type 
_pdbx_audit_revision_category.category 
1 2 'Structure model' entity                
2 2 'Structure model' pdbx_database_related 
3 2 'Structure model' pdbx_nmr_software     
4 2 'Structure model' pdbx_nmr_spectrometer 
5 3 'Structure model' atom_site             
6 3 'Structure model' chem_comp_atom        
7 3 'Structure model' chem_comp_bond        
8 3 'Structure model' database_2            
9 3 'Structure model' struct_conn           
# 
loop_
_pdbx_audit_revision_item.ordinal 
_pdbx_audit_revision_item.revision_ordinal 
_pdbx_audit_revision_item.data_content_type 
_pdbx_audit_revision_item.item 
1  2 'Structure model' '_entity.pdbx_number_of_molecules'    
2  2 'Structure model' '_pdbx_nmr_software.name'             
3  2 'Structure model' '_pdbx_nmr_spectrometer.model'        
4  3 'Structure model' '_atom_site.auth_atom_id'             
5  3 'Structure model' '_atom_site.label_atom_id'            
6  3 'Structure model' '_database_2.pdbx_DOI'                
7  3 'Structure model' '_database_2.pdbx_database_accession' 
8  3 'Structure model' '_struct_conn.pdbx_dist_value'        
9  3 'Structure model' '_struct_conn.pdbx_leaving_atom_flag' 
10 3 'Structure model' '_struct_conn.ptnr1_label_atom_id'    
11 3 'Structure model' '_struct_conn.ptnr2_label_atom_id'    
# 
_pdbx_nmr_exptl_sample.solution_id           1 
_pdbx_nmr_exptl_sample.component             'helix cap' 
_pdbx_nmr_exptl_sample.concentration         1 
_pdbx_nmr_exptl_sample.concentration_range   ? 
_pdbx_nmr_exptl_sample.concentration_units   mM 
_pdbx_nmr_exptl_sample.isotopic_labeling     n 
# 
loop_
_chem_comp_atom.comp_id 
_chem_comp_atom.atom_id 
_chem_comp_atom.type_symbol 
_chem_comp_atom.pdbx_aromatic_flag 
_chem_comp_atom.pdbx_stereo_config 
_chem_comp_atom.pdbx_ordinal 
ALA N     N N N 1  
ALA CA    C N S 2  
ALA C     C N N 3  
ALA O     O N N 4  
ALA CB    C N N 5  
ALA OXT   O N N 6  
ALA H     H N N 7  
ALA H2    H N N 8  
ALA HA    H N N 9  
ALA HB1   H N N 10 
ALA HB2   H N N 11 
ALA HB3   H N N 12 
ALA HXT   H N N 13 
ARG N     N N N 14 
ARG CA    C N S 15 
ARG C     C N N 16 
ARG O     O N N 17 
ARG CB    C N N 18 
ARG CG    C N N 19 
ARG CD    C N N 20 
ARG NE    N N N 21 
ARG CZ    C N N 22 
ARG NH1   N N N 23 
ARG NH2   N N N 24 
ARG OXT   O N N 25 
ARG H     H N N 26 
ARG H2    H N N 27 
ARG HA    H N N 28 
ARG HB2   H N N 29 
ARG HB3   H N N 30 
ARG HG2   H N N 31 
ARG HG3   H N N 32 
ARG HD2   H N N 33 
ARG HD3   H N N 34 
ARG HE    H N N 35 
ARG HH11  H N N 36 
ARG HH12  H N N 37 
ARG HH21  H N N 38 
ARG HH22  H N N 39 
ARG HXT   H N N 40 
NH2 N     N N N 41 
NH2 HN1   H N N 42 
NH2 HN2   H N N 43 
UN1 "C1'" C N N 44 
UN1 "O1'" O N N 45 
UN1 "O2'" O N N 46 
UN1 O     O N N 47 
UN1 C1    C N N 48 
UN1 C     C N N 49 
UN1 CA    C N S 50 
UN1 C5    C N N 51 
UN1 C6    C N N 52 
UN1 N     N N N 53 
UN1 OXT   O N N 54 
UN1 "H2'" H N N 55 
UN1 H1C1  H N N 56 
UN1 H1C2  H N N 57 
UN1 HA    H N N 58 
UN1 H5C1  H N N 59 
UN1 H5C2  H N N 60 
UN1 H6C1  H N N 61 
UN1 H6C2  H N N 62 
UN1 H     H N N 63 
UN1 H2    H N N 64 
UN1 HXT   H N N 65 
# 
loop_
_chem_comp_bond.comp_id 
_chem_comp_bond.atom_id_1 
_chem_comp_bond.atom_id_2 
_chem_comp_bond.value_order 
_chem_comp_bond.pdbx_aromatic_flag 
_chem_comp_bond.pdbx_stereo_config 
_chem_comp_bond.pdbx_ordinal 
ALA N     CA    sing N N 1  
ALA N     H     sing N N 2  
ALA N     H2    sing N N 3  
ALA CA    C     sing N N 4  
ALA CA    CB    sing N N 5  
ALA CA    HA    sing N N 6  
ALA C     O     doub N N 7  
ALA C     OXT   sing N N 8  
ALA CB    HB1   sing N N 9  
ALA CB    HB2   sing N N 10 
ALA CB    HB3   sing N N 11 
ALA OXT   HXT   sing N N 12 
ARG N     CA    sing N N 13 
ARG N     H     sing N N 14 
ARG N     H2    sing N N 15 
ARG CA    C     sing N N 16 
ARG CA    CB    sing N N 17 
ARG CA    HA    sing N N 18 
ARG C     O     doub N N 19 
ARG C     OXT   sing N N 20 
ARG CB    CG    sing N N 21 
ARG CB    HB2   sing N N 22 
ARG CB    HB3   sing N N 23 
ARG CG    CD    sing N N 24 
ARG CG    HG2   sing N N 25 
ARG CG    HG3   sing N N 26 
ARG CD    NE    sing N N 27 
ARG CD    HD2   sing N N 28 
ARG CD    HD3   sing N N 29 
ARG NE    CZ    sing N N 30 
ARG NE    HE    sing N N 31 
ARG CZ    NH1   sing N N 32 
ARG CZ    NH2   doub N N 33 
ARG NH1   HH11  sing N N 34 
ARG NH1   HH12  sing N N 35 
ARG NH2   HH21  sing N N 36 
ARG NH2   HH22  sing N N 37 
ARG OXT   HXT   sing N N 38 
NH2 N     HN1   sing N N 39 
NH2 N     HN2   sing N N 40 
UN1 "C1'" "O1'" doub N N 41 
UN1 "C1'" "O2'" sing N N 42 
UN1 "C1'" C1    sing N N 43 
UN1 "O2'" "H2'" sing N N 44 
UN1 O     C     doub N N 45 
UN1 C1    C6    sing N N 46 
UN1 C1    H1C1  sing N N 47 
UN1 C1    H1C2  sing N N 48 
UN1 C     CA    sing N N 49 
UN1 C     OXT   sing N N 50 
UN1 CA    C5    sing N N 51 
UN1 CA    N     sing N N 52 
UN1 CA    HA    sing N N 53 
UN1 C5    C6    sing N N 54 
UN1 C5    H5C1  sing N N 55 
UN1 C5    H5C2  sing N N 56 
UN1 C6    H6C1  sing N N 57 
UN1 C6    H6C2  sing N N 58 
UN1 N     H     sing N N 59 
UN1 N     H2    sing N N 60 
UN1 OXT   HXT   sing N N 61 
# 
_pdbx_audit_support.funding_organization   'ARC, MHNRC' 
_pdbx_audit_support.country                Australia 
_pdbx_audit_support.grant_number           'DP1096290, DP130100629, CE140100011' 
_pdbx_audit_support.ordinal                1 
# 
